data_2XLQ
#
_entry.id   2XLQ
#
_cell.length_a   135.192
_cell.length_b   135.192
_cell.length_c   98.132
_cell.angle_alpha   90.00
_cell.angle_beta   90.00
_cell.angle_gamma   90.00
#
_symmetry.space_group_name_H-M   'I 41 2 2'
#
loop_
_entity.id
_entity.type
_entity.pdbx_description
1 polymer CLOQ
2 non-polymer 'FORMIC ACID'
3 non-polymer '(2R)-2-HYDROXY-3-(4-HYDROXYPHENYL)PROPANOIC ACID'
4 water water
#
_entity_poly.entity_id   1
_entity_poly.type   'polypeptide(L)'
_entity_poly.pdbx_seq_one_letter_code
;GSHMPALPIDQEFDCERFRADIRATAAAIGAPIAHRLTDTVLEAFRDNFAQGATLWKTTSQPGDQLSYRFFSRLKMDTVS
RAIDAGLLDAAHPTLAVVDAWSSLYGGAPVQSGDFDAGRGMAKTWLYFGGLRPAEDILTVPALPASVQARLKDFLALGLA
HVRFAAVDWRHHSANVYFRGKGPLDTVQFARIHALSGSTPPAAHVVEEVLAYMPEDYCVAITLDLHSGDIERVCFYALKV
PKNALPRIPTRIARFLEVAPSHDVEECNVIGWSFGRSGDYVKAERSYTGNMAEILAGWNCFFHGEEGRDHDLRALHQHTE
STMGGAR
;
_entity_poly.pdbx_strand_id   A
#
loop_
_chem_comp.id
_chem_comp.type
_chem_comp.name
_chem_comp.formula
34H non-polymer '(2R)-2-HYDROXY-3-(4-HYDROXYPHENYL)PROPANOIC ACID' 'C9 H10 O4'
FMT non-polymer 'FORMIC ACID' 'C H2 O2'
#
# COMPACT_ATOMS: atom_id res chain seq x y z
N GLY A 1 1.60 1.41 -37.49
CA GLY A 1 2.40 2.10 -38.56
C GLY A 1 3.37 1.13 -39.23
N SER A 2 3.82 1.44 -40.44
CA SER A 2 4.34 0.38 -41.33
C SER A 2 5.56 -0.44 -40.83
N HIS A 3 6.42 0.13 -39.95
CA HIS A 3 7.37 -0.69 -39.11
C HIS A 3 7.34 -0.39 -37.61
N MET A 4 6.19 0.05 -37.12
CA MET A 4 6.00 0.30 -35.67
C MET A 4 6.39 -0.93 -34.85
N PRO A 5 7.21 -0.70 -33.81
CA PRO A 5 7.72 -1.89 -33.06
C PRO A 5 6.62 -2.60 -32.27
N ALA A 6 6.73 -3.91 -32.13
CA ALA A 6 5.74 -4.68 -31.41
C ALA A 6 6.05 -4.45 -29.94
N LEU A 7 5.00 -4.24 -29.15
CA LEU A 7 5.14 -4.14 -27.68
C LEU A 7 5.63 -5.50 -27.15
N PRO A 8 6.68 -5.48 -26.32
CA PRO A 8 7.28 -6.74 -25.92
C PRO A 8 6.33 -7.61 -25.09
N ILE A 9 6.67 -8.89 -25.00
CA ILE A 9 5.89 -9.85 -24.22
C ILE A 9 6.75 -10.44 -23.09
N ASP A 10 8.01 -10.02 -23.00
CA ASP A 10 8.93 -10.47 -21.95
C ASP A 10 8.69 -9.72 -20.64
N GLN A 11 9.55 -10.01 -19.67
CA GLN A 11 9.28 -9.73 -18.29
C GLN A 11 9.82 -8.39 -17.84
N GLU A 12 10.68 -7.80 -18.65
CA GLU A 12 11.47 -6.63 -18.27
C GLU A 12 10.57 -5.40 -18.42
N PHE A 13 10.76 -4.42 -17.56
CA PHE A 13 9.95 -3.20 -17.65
C PHE A 13 10.17 -2.50 -18.99
N ASP A 14 9.08 -2.16 -19.67
CA ASP A 14 9.14 -1.35 -20.87
C ASP A 14 8.15 -0.23 -20.73
N CYS A 15 8.67 0.99 -20.82
CA CYS A 15 7.86 2.16 -20.57
C CYS A 15 6.72 2.39 -21.59
N GLU A 16 7.00 2.22 -22.87
CA GLU A 16 5.97 2.40 -23.91
C GLU A 16 4.84 1.37 -23.70
N ARG A 17 5.18 0.14 -23.33
CA ARG A 17 4.17 -0.90 -23.05
C ARG A 17 3.35 -0.62 -21.80
N PHE A 18 4.01 -0.02 -20.79
CA PHE A 18 3.36 0.43 -19.55
C PHE A 18 2.26 1.45 -19.86
N ARG A 19 2.61 2.44 -20.68
CA ARG A 19 1.65 3.49 -21.05
C ARG A 19 0.39 2.88 -21.65
N ALA A 20 0.59 1.91 -22.54
CA ALA A 20 -0.48 1.22 -23.21
C ALA A 20 -1.28 0.40 -22.19
N ASP A 21 -0.61 -0.26 -21.26
CA ASP A 21 -1.25 -1.13 -20.28
C ASP A 21 -2.04 -0.35 -19.22
N ILE A 22 -1.53 0.84 -18.85
CA ILE A 22 -2.28 1.75 -17.96
C ILE A 22 -3.58 2.15 -18.64
N ARG A 23 -3.48 2.55 -19.90
CA ARG A 23 -4.68 2.89 -20.65
C ARG A 23 -5.61 1.70 -20.80
N ALA A 24 -5.08 0.54 -21.17
CA ALA A 24 -5.96 -0.62 -21.41
C ALA A 24 -6.67 -1.08 -20.15
N THR A 25 -5.94 -1.14 -19.04
CA THR A 25 -6.46 -1.64 -17.77
C THR A 25 -7.50 -0.65 -17.17
N ALA A 26 -7.21 0.64 -17.18
CA ALA A 26 -8.21 1.65 -16.79
C ALA A 26 -9.48 1.39 -17.61
N ALA A 27 -9.37 1.29 -18.93
CA ALA A 27 -10.57 1.00 -19.74
C ALA A 27 -11.27 -0.28 -19.35
N ALA A 28 -10.50 -1.34 -19.15
CA ALA A 28 -11.06 -2.65 -18.82
C ALA A 28 -11.90 -2.60 -17.53
N ILE A 29 -11.43 -1.92 -16.49
CA ILE A 29 -12.15 -1.83 -15.22
C ILE A 29 -13.06 -0.61 -15.03
N GLY A 30 -13.18 0.22 -16.05
CA GLY A 30 -14.13 1.30 -16.01
C GLY A 30 -13.60 2.42 -15.14
N ALA A 31 -12.29 2.67 -15.19
CA ALA A 31 -11.67 3.70 -14.39
C ALA A 31 -11.31 4.87 -15.30
N PRO A 32 -11.16 6.07 -14.71
CA PRO A 32 -10.82 7.28 -15.43
C PRO A 32 -9.40 7.28 -15.90
N ILE A 33 -9.13 8.05 -16.94
CA ILE A 33 -7.76 8.18 -17.45
C ILE A 33 -7.46 9.66 -17.69
N ALA A 34 -6.23 10.06 -17.35
CA ALA A 34 -5.69 11.38 -17.53
C ALA A 34 -4.43 11.23 -18.36
N HIS A 35 -4.50 11.48 -19.67
CA HIS A 35 -3.40 11.10 -20.57
C HIS A 35 -2.17 11.89 -20.25
N ARG A 36 -2.33 13.21 -20.16
CA ARG A 36 -1.20 14.09 -20.03
C ARG A 36 -0.52 13.88 -18.69
N LEU A 37 -1.33 13.70 -17.66
CA LEU A 37 -0.78 13.54 -16.31
C LEU A 37 0.01 12.28 -16.25
N THR A 38 -0.50 11.25 -16.91
CA THR A 38 0.12 9.94 -16.89
C THR A 38 1.45 10.01 -17.57
N ASP A 39 1.51 10.71 -18.71
CA ASP A 39 2.78 10.91 -19.38
C ASP A 39 3.78 11.64 -18.52
N THR A 40 3.31 12.58 -17.71
CA THR A 40 4.23 13.33 -16.84
C THR A 40 4.80 12.44 -15.75
N VAL A 41 3.95 11.61 -15.16
CA VAL A 41 4.42 10.69 -14.13
C VAL A 41 5.45 9.77 -14.74
N LEU A 42 5.10 9.16 -15.87
CA LEU A 42 6.03 8.20 -16.51
C LEU A 42 7.38 8.85 -16.85
N GLU A 43 7.38 10.07 -17.36
CA GLU A 43 8.63 10.77 -17.65
C GLU A 43 9.48 11.06 -16.37
N ALA A 44 8.83 11.54 -15.30
CA ALA A 44 9.52 11.92 -14.09
C ALA A 44 10.10 10.72 -13.33
N PHE A 45 9.37 9.59 -13.32
CA PHE A 45 9.75 8.42 -12.55
C PHE A 45 10.08 7.15 -13.38
N ARG A 46 10.37 7.33 -14.66
CA ARG A 46 10.77 6.21 -15.52
C ARG A 46 11.79 5.28 -14.86
N ASP A 47 12.92 5.83 -14.42
CA ASP A 47 13.94 5.01 -13.81
C ASP A 47 13.44 4.26 -12.58
N ASN A 48 12.60 4.91 -11.78
CA ASN A 48 12.09 4.26 -10.58
C ASN A 48 11.27 3.04 -10.93
N PHE A 49 10.38 3.19 -11.89
CA PHE A 49 9.56 2.06 -12.38
C PHE A 49 10.46 0.94 -12.94
N ALA A 50 11.46 1.33 -13.74
CA ALA A 50 12.40 0.41 -14.42
C ALA A 50 13.16 -0.48 -13.42
N GLN A 51 13.60 0.15 -12.34
CA GLN A 51 14.51 -0.47 -11.39
C GLN A 51 13.78 -1.07 -10.18
N GLY A 52 12.56 -0.64 -9.90
CA GLY A 52 11.81 -1.20 -8.79
C GLY A 52 10.86 -2.28 -9.21
N ALA A 53 9.91 -2.62 -8.35
CA ALA A 53 8.77 -3.48 -8.76
C ALA A 53 7.67 -2.54 -9.13
N THR A 54 7.24 -2.58 -10.39
CA THR A 54 6.09 -1.81 -10.83
C THR A 54 4.91 -2.77 -10.71
N LEU A 55 3.77 -2.27 -10.22
CA LEU A 55 2.61 -3.10 -9.97
C LEU A 55 1.33 -2.26 -9.96
N TRP A 56 0.20 -2.95 -9.97
CA TRP A 56 -1.12 -2.38 -10.06
C TRP A 56 -1.87 -2.48 -8.74
N LYS A 57 -2.83 -1.57 -8.53
CA LYS A 57 -3.82 -1.65 -7.44
C LYS A 57 -5.18 -1.05 -7.82
N THR A 58 -6.24 -1.54 -7.19
CA THR A 58 -7.54 -0.86 -7.23
C THR A 58 -8.32 -1.33 -6.03
N THR A 59 -9.56 -0.85 -5.85
CA THR A 59 -10.43 -1.33 -4.81
C THR A 59 -11.76 -1.78 -5.43
N SER A 60 -12.64 -2.36 -4.62
CA SER A 60 -13.92 -2.80 -5.13
C SER A 60 -14.95 -1.69 -5.24
N GLN A 61 -14.57 -0.49 -4.82
CA GLN A 61 -15.43 0.65 -4.96
C GLN A 61 -15.69 0.88 -6.43
N PRO A 62 -16.98 0.99 -6.81
CA PRO A 62 -17.36 1.18 -8.22
C PRO A 62 -16.69 2.39 -8.84
N GLY A 63 -16.02 2.17 -9.97
CA GLY A 63 -15.36 3.23 -10.69
C GLY A 63 -14.05 3.66 -10.09
N ASP A 64 -13.59 3.01 -9.03
CA ASP A 64 -12.39 3.48 -8.38
C ASP A 64 -11.19 3.48 -9.34
N GLN A 65 -10.24 4.36 -9.02
CA GLN A 65 -9.07 4.56 -9.79
C GLN A 65 -8.34 3.27 -10.07
N LEU A 66 -7.69 3.19 -11.22
CA LEU A 66 -6.71 2.16 -11.43
C LEU A 66 -5.45 2.82 -10.99
N SER A 67 -4.78 2.29 -9.99
CA SER A 67 -3.55 2.86 -9.54
C SER A 67 -2.35 2.05 -10.02
N TYR A 68 -1.21 2.69 -10.12
CA TYR A 68 0.02 2.01 -10.48
C TYR A 68 1.10 2.57 -9.58
N ARG A 69 2.05 1.72 -9.23
CA ARG A 69 2.96 2.00 -8.13
C ARG A 69 4.36 1.49 -8.48
N PHE A 70 5.39 2.20 -8.04
CA PHE A 70 6.72 1.61 -7.95
C PHE A 70 7.10 1.38 -6.52
N PHE A 71 7.48 0.14 -6.19
CA PHE A 71 8.15 -0.19 -4.94
C PHE A 71 9.67 -0.09 -5.22
N SER A 72 10.34 0.76 -4.47
CA SER A 72 11.66 1.24 -4.85
C SER A 72 12.80 0.29 -4.59
N ARG A 73 13.68 0.15 -5.58
CA ARG A 73 15.10 -0.23 -5.32
C ARG A 73 16.02 0.96 -5.44
N LEU A 74 15.67 1.94 -6.26
CA LEU A 74 16.46 3.18 -6.38
C LEU A 74 16.00 4.17 -5.30
N LYS A 75 16.93 4.51 -4.42
CA LYS A 75 16.63 5.35 -3.29
C LYS A 75 17.00 6.78 -3.62
N MET A 76 15.98 7.63 -3.59
CA MET A 76 16.16 9.04 -3.91
C MET A 76 14.99 9.77 -3.31
N ASP A 77 15.01 11.09 -3.39
CA ASP A 77 13.92 11.93 -2.87
C ASP A 77 12.82 11.95 -3.92
N THR A 78 11.87 11.02 -3.87
CA THR A 78 10.78 11.02 -4.85
C THR A 78 9.85 12.20 -4.67
N VAL A 79 9.76 12.73 -3.46
CA VAL A 79 8.85 13.84 -3.21
C VAL A 79 9.36 15.11 -3.89
N SER A 80 10.63 15.44 -3.68
CA SER A 80 11.22 16.55 -4.39
C SER A 80 11.08 16.41 -5.88
N ARG A 81 11.27 15.21 -6.40
CA ARG A 81 11.12 14.94 -7.83
C ARG A 81 9.66 15.16 -8.24
N ALA A 82 8.72 14.70 -7.44
CA ALA A 82 7.31 14.92 -7.80
C ALA A 82 7.03 16.43 -7.95
N ILE A 83 7.58 17.22 -7.02
CA ILE A 83 7.34 18.68 -6.99
C ILE A 83 8.02 19.33 -8.19
N ASP A 84 9.29 18.99 -8.47
CA ASP A 84 10.00 19.46 -9.68
C ASP A 84 9.15 19.27 -10.94
N ALA A 85 8.44 18.15 -11.04
CA ALA A 85 7.75 17.77 -12.28
C ALA A 85 6.35 18.35 -12.41
N GLY A 86 5.90 19.03 -11.38
CA GLY A 86 4.60 19.70 -11.40
C GLY A 86 3.50 18.80 -10.91
N LEU A 87 3.87 17.71 -10.26
CA LEU A 87 2.90 16.70 -9.78
C LEU A 87 2.36 16.87 -8.35
N LEU A 88 2.90 17.83 -7.59
CA LEU A 88 2.54 17.99 -6.17
C LEU A 88 2.78 19.43 -5.72
N ASP A 89 1.81 20.01 -5.00
CA ASP A 89 1.93 21.38 -4.45
C ASP A 89 3.17 21.50 -3.59
N ALA A 90 4.00 22.49 -3.90
CA ALA A 90 5.20 22.82 -3.10
C ALA A 90 4.81 23.27 -1.70
N ALA A 91 3.54 23.66 -1.52
CA ALA A 91 3.02 24.08 -0.20
C ALA A 91 2.12 23.02 0.44
N HIS A 92 2.23 21.77 0.05
CA HIS A 92 1.35 20.78 0.62
C HIS A 92 1.59 20.68 2.11
N PRO A 93 0.50 20.63 2.87
CA PRO A 93 0.70 20.63 4.31
C PRO A 93 1.30 19.36 4.87
N THR A 94 1.25 18.25 4.13
CA THR A 94 1.83 16.97 4.61
C THR A 94 3.34 16.83 4.36
N LEU A 95 3.93 17.79 3.68
CA LEU A 95 5.36 17.72 3.34
C LEU A 95 6.25 17.59 4.55
N ALA A 96 5.85 18.27 5.63
CA ALA A 96 6.63 18.35 6.85
C ALA A 96 6.68 17.00 7.54
N VAL A 97 5.54 16.31 7.61
CA VAL A 97 5.54 14.97 8.22
C VAL A 97 6.33 13.96 7.38
N VAL A 98 6.20 14.04 6.06
CA VAL A 98 6.92 13.16 5.17
C VAL A 98 8.44 13.42 5.27
N ASP A 99 8.87 14.67 5.43
CA ASP A 99 10.30 14.94 5.55
C ASP A 99 10.81 14.39 6.90
N ALA A 100 10.09 14.67 7.99
CA ALA A 100 10.41 14.12 9.34
C ALA A 100 10.56 12.59 9.30
N TRP A 101 9.50 11.90 8.85
CA TRP A 101 9.55 10.46 8.68
C TRP A 101 10.72 10.00 7.81
N SER A 102 11.00 10.70 6.72
CA SER A 102 12.08 10.28 5.82
C SER A 102 13.47 10.49 6.44
N SER A 103 13.57 11.44 7.37
CA SER A 103 14.86 11.80 7.93
C SER A 103 15.22 10.90 9.10
N LEU A 104 14.28 10.12 9.63
CA LEU A 104 14.58 9.22 10.74
C LEU A 104 15.72 8.21 10.46
N TYR A 105 16.33 7.73 11.55
CA TYR A 105 17.36 6.70 11.49
C TYR A 105 18.44 7.11 10.54
N GLY A 106 18.80 8.39 10.60
CA GLY A 106 19.77 8.94 9.68
C GLY A 106 19.46 8.81 8.19
N GLY A 107 18.19 8.86 7.81
CA GLY A 107 17.82 8.79 6.39
C GLY A 107 17.70 7.38 5.79
N ALA A 108 17.66 6.36 6.63
CA ALA A 108 17.50 4.98 6.12
C ALA A 108 16.15 4.71 5.41
N PRO A 109 15.07 5.42 5.76
CA PRO A 109 13.84 5.01 5.07
C PRO A 109 13.94 5.24 3.56
N VAL A 110 13.14 4.50 2.80
CA VAL A 110 13.13 4.58 1.33
C VAL A 110 11.70 4.85 0.86
N GLN A 111 11.58 5.83 -0.02
CA GLN A 111 10.31 6.25 -0.53
C GLN A 111 9.95 5.44 -1.76
N SER A 112 8.69 5.10 -1.87
CA SER A 112 8.12 4.55 -3.07
C SER A 112 6.94 5.43 -3.46
N GLY A 113 6.40 5.19 -4.63
CA GLY A 113 5.42 6.07 -5.24
C GLY A 113 4.19 5.32 -5.69
N ASP A 114 3.04 5.93 -5.49
CA ASP A 114 1.73 5.34 -5.74
C ASP A 114 0.98 6.42 -6.54
N PHE A 115 0.47 6.05 -7.72
CA PHE A 115 -0.16 6.96 -8.66
C PHE A 115 -1.50 6.42 -9.11
N ASP A 116 -2.37 7.33 -9.54
CA ASP A 116 -3.65 6.97 -10.12
C ASP A 116 -3.69 7.36 -11.60
N ALA A 117 -4.29 6.52 -12.42
CA ALA A 117 -4.41 6.74 -13.87
C ALA A 117 -5.16 8.01 -14.22
N GLY A 118 -6.11 8.38 -13.35
CA GLY A 118 -6.96 9.54 -13.53
C GLY A 118 -6.55 10.78 -12.78
N ARG A 119 -5.61 10.69 -11.84
CA ARG A 119 -5.35 11.82 -10.94
C ARG A 119 -3.91 12.06 -10.61
N GLY A 120 -2.97 11.31 -11.17
CA GLY A 120 -1.56 11.54 -10.88
C GLY A 120 -1.09 11.02 -9.54
N MET A 121 -0.19 11.79 -8.93
CA MET A 121 0.44 11.38 -7.69
C MET A 121 -0.57 11.24 -6.56
N ALA A 122 -0.68 10.02 -6.01
CA ALA A 122 -1.67 9.72 -5.02
C ALA A 122 -1.04 9.61 -3.63
N LYS A 123 0.01 8.79 -3.51
CA LYS A 123 0.62 8.51 -2.20
C LYS A 123 2.11 8.38 -2.21
N THR A 124 2.73 8.69 -1.10
CA THR A 124 4.13 8.36 -0.93
C THR A 124 4.15 7.33 0.19
N TRP A 125 4.81 6.21 -0.09
CA TRP A 125 4.98 5.04 0.80
C TRP A 125 6.41 4.99 1.34
N LEU A 126 6.57 4.82 2.66
CA LEU A 126 7.87 4.81 3.32
C LEU A 126 8.16 3.42 3.92
N TYR A 127 9.25 2.81 3.52
CA TYR A 127 9.73 1.61 4.20
C TYR A 127 10.78 2.10 5.17
N PHE A 128 10.60 1.76 6.44
CA PHE A 128 11.42 2.33 7.50
C PHE A 128 12.66 1.50 7.85
N GLY A 129 12.78 0.31 7.30
CA GLY A 129 14.04 -0.43 7.35
C GLY A 129 14.14 -1.42 8.49
N GLY A 130 13.03 -1.72 9.15
CA GLY A 130 12.97 -2.72 10.23
C GLY A 130 11.72 -2.53 11.08
N LEU A 131 11.68 -3.14 12.27
CA LEU A 131 10.53 -2.99 13.17
C LEU A 131 10.72 -1.76 14.05
N ARG A 132 10.13 -0.65 13.65
CA ARG A 132 10.27 0.60 14.40
C ARG A 132 9.25 0.71 15.50
N PRO A 133 9.70 1.15 16.68
CA PRO A 133 8.76 1.42 17.75
C PRO A 133 7.75 2.44 17.31
N ALA A 134 6.49 2.24 17.66
CA ALA A 134 5.42 3.11 17.20
C ALA A 134 5.68 4.59 17.62
N GLU A 135 6.23 4.74 18.82
CA GLU A 135 6.64 6.03 19.36
C GLU A 135 7.44 6.83 18.37
N ASP A 136 8.46 6.23 17.77
CA ASP A 136 9.38 6.95 16.90
C ASP A 136 8.62 7.57 15.72
N ILE A 137 7.57 6.89 15.29
CA ILE A 137 6.83 7.32 14.12
C ILE A 137 5.74 8.29 14.56
N LEU A 138 5.04 7.99 15.65
CA LEU A 138 3.87 8.79 15.96
C LEU A 138 4.16 10.01 16.83
N THR A 139 5.41 10.22 17.23
CA THR A 139 5.70 11.38 18.08
C THR A 139 6.75 12.34 17.49
N VAL A 140 6.97 12.30 16.16
CA VAL A 140 7.80 13.32 15.50
C VAL A 140 7.12 14.67 15.71
N PRO A 141 7.89 15.75 16.00
CA PRO A 141 7.30 17.07 16.24
C PRO A 141 6.35 17.55 15.16
N ALA A 142 6.57 17.16 13.92
CA ALA A 142 5.69 17.62 12.85
C ALA A 142 4.21 17.16 13.02
N LEU A 143 3.97 16.12 13.82
CA LEU A 143 2.62 15.63 14.02
C LEU A 143 1.99 16.39 15.19
N PRO A 144 0.74 16.84 15.02
CA PRO A 144 0.07 17.54 16.10
C PRO A 144 -0.25 16.62 17.26
N ALA A 145 -0.47 17.26 18.40
CA ALA A 145 -0.80 16.61 19.67
C ALA A 145 -1.92 15.55 19.57
N SER A 146 -2.96 15.84 18.80
CA SER A 146 -4.11 14.94 18.64
C SER A 146 -3.73 13.63 17.87
N VAL A 147 -2.77 13.71 16.97
CA VAL A 147 -2.25 12.49 16.33
C VAL A 147 -1.33 11.68 17.27
N GLN A 148 -0.43 12.37 17.95
CA GLN A 148 0.50 11.72 18.90
C GLN A 148 -0.27 11.11 20.06
N ALA A 149 -1.36 11.76 20.46
CA ALA A 149 -2.28 11.15 21.42
C ALA A 149 -2.65 9.68 21.12
N ARG A 150 -2.80 9.32 19.84
CA ARG A 150 -3.20 7.94 19.48
C ARG A 150 -2.17 6.87 19.80
N LEU A 151 -0.93 7.26 20.04
CA LEU A 151 0.13 6.29 20.36
C LEU A 151 -0.31 5.30 21.38
N LYS A 152 -0.92 5.80 22.45
CA LYS A 152 -1.24 4.97 23.60
C LYS A 152 -2.36 3.98 23.29
N ASP A 153 -3.22 4.30 22.32
CA ASP A 153 -4.32 3.44 21.97
C ASP A 153 -3.77 2.27 21.19
N PHE A 154 -2.75 2.56 20.37
CA PHE A 154 -2.08 1.54 19.60
C PHE A 154 -1.26 0.62 20.52
N LEU A 155 -0.47 1.20 21.43
CA LEU A 155 0.34 0.38 22.32
C LEU A 155 -0.58 -0.50 23.17
N ALA A 156 -1.77 0.00 23.52
CA ALA A 156 -2.70 -0.78 24.34
C ALA A 156 -3.22 -2.01 23.60
N LEU A 157 -3.21 -1.96 22.27
CA LEU A 157 -3.65 -3.13 21.45
C LEU A 157 -2.48 -4.03 21.08
N GLY A 158 -1.28 -3.69 21.55
CA GLY A 158 -0.10 -4.46 21.21
C GLY A 158 0.30 -4.22 19.76
N LEU A 159 -0.07 -3.05 19.25
CA LEU A 159 0.33 -2.62 17.93
C LEU A 159 1.44 -1.64 18.17
N ALA A 160 2.63 -2.20 18.37
CA ALA A 160 3.74 -1.47 18.95
C ALA A 160 4.91 -1.27 18.02
N HIS A 161 4.92 -1.93 16.87
CA HIS A 161 5.95 -1.70 15.86
C HIS A 161 5.37 -1.38 14.50
N VAL A 162 5.98 -0.41 13.85
CA VAL A 162 5.55 0.09 12.55
C VAL A 162 6.60 -0.31 11.54
N ARG A 163 6.12 -0.78 10.39
CA ARG A 163 6.97 -1.19 9.29
C ARG A 163 6.88 -0.27 8.08
N PHE A 164 5.73 0.33 7.84
CA PHE A 164 5.57 1.29 6.76
C PHE A 164 4.62 2.42 7.17
N ALA A 165 4.62 3.48 6.40
CA ALA A 165 3.73 4.58 6.55
C ALA A 165 3.52 5.09 5.14
N ALA A 166 2.27 5.36 4.76
CA ALA A 166 1.93 5.89 3.45
C ALA A 166 1.06 7.17 3.55
N VAL A 167 1.60 8.28 3.05
CA VAL A 167 0.88 9.56 3.06
C VAL A 167 -0.03 9.69 1.84
N ASP A 168 -1.30 9.98 2.06
CA ASP A 168 -2.24 10.24 0.98
C ASP A 168 -2.30 11.75 0.67
N TRP A 169 -1.86 12.15 -0.52
CA TRP A 169 -1.74 13.55 -0.88
C TRP A 169 -3.06 14.28 -1.26
N ARG A 170 -4.18 13.58 -1.31
CA ARG A 170 -5.45 14.29 -1.48
C ARG A 170 -6.10 14.55 -0.16
N HIS A 171 -5.84 13.71 0.84
CA HIS A 171 -6.66 13.76 2.05
C HIS A 171 -5.92 14.12 3.33
N HIS A 172 -4.64 14.47 3.27
CA HIS A 172 -3.86 14.81 4.51
CA HIS A 172 -3.93 14.85 4.48
C HIS A 172 -4.18 13.75 5.58
N SER A 173 -4.04 12.47 5.19
CA SER A 173 -4.08 11.34 6.10
C SER A 173 -2.87 10.46 5.83
N ALA A 174 -2.62 9.55 6.79
CA ALA A 174 -1.58 8.57 6.67
C ALA A 174 -2.12 7.21 7.05
N ASN A 175 -1.68 6.23 6.30
CA ASN A 175 -1.94 4.85 6.59
C ASN A 175 -0.67 4.35 7.26
N VAL A 176 -0.75 4.00 8.54
CA VAL A 176 0.40 3.48 9.30
C VAL A 176 0.31 1.97 9.40
N TYR A 177 1.41 1.30 9.04
CA TYR A 177 1.45 -0.14 8.85
C TYR A 177 2.13 -0.81 10.03
N PHE A 178 1.35 -1.56 10.81
CA PHE A 178 1.82 -2.20 12.04
C PHE A 178 1.98 -3.69 11.83
N ARG A 179 2.80 -4.35 12.64
CA ARG A 179 2.81 -5.79 12.72
C ARG A 179 2.55 -6.17 14.17
N GLY A 180 1.54 -7.01 14.38
CA GLY A 180 1.17 -7.43 15.73
C GLY A 180 1.69 -8.82 16.00
N LYS A 181 1.93 -9.16 17.27
CA LYS A 181 2.23 -10.55 17.62
C LYS A 181 0.90 -11.30 17.75
N GLY A 182 0.66 -12.25 16.87
CA GLY A 182 -0.59 -13.01 16.88
C GLY A 182 -0.37 -14.43 17.39
N PRO A 183 -1.21 -15.37 16.91
CA PRO A 183 -2.22 -15.23 15.87
C PRO A 183 -3.27 -14.13 16.13
N LEU A 184 -3.78 -13.52 15.07
CA LEU A 184 -4.91 -12.60 15.18
C LEU A 184 -6.12 -13.44 15.51
N ASP A 185 -6.83 -13.12 16.59
CA ASP A 185 -8.08 -13.81 16.91
C ASP A 185 -9.31 -12.91 16.81
N THR A 186 -10.46 -13.46 17.13
CA THR A 186 -11.71 -12.76 17.03
C THR A 186 -11.76 -11.47 17.83
N VAL A 187 -11.23 -11.53 19.06
CA VAL A 187 -11.28 -10.40 19.99
C VAL A 187 -10.30 -9.32 19.54
N GLN A 188 -9.09 -9.71 19.13
CA GLN A 188 -8.14 -8.72 18.67
C GLN A 188 -8.64 -8.11 17.38
N PHE A 189 -9.30 -8.90 16.55
CA PHE A 189 -9.87 -8.34 15.34
C PHE A 189 -10.87 -7.27 15.75
N ALA A 190 -11.80 -7.64 16.61
CA ALA A 190 -12.90 -6.74 17.01
C ALA A 190 -12.39 -5.44 17.64
N ARG A 191 -11.31 -5.53 18.41
CA ARG A 191 -10.74 -4.36 19.06
C ARG A 191 -10.16 -3.43 18.01
N ILE A 192 -9.53 -4.00 16.99
CA ILE A 192 -8.96 -3.20 15.89
C ILE A 192 -10.07 -2.62 15.02
N HIS A 193 -11.00 -3.46 14.66
CA HIS A 193 -12.11 -3.02 13.83
C HIS A 193 -12.82 -1.88 14.52
N ALA A 194 -12.89 -1.93 15.85
CA ALA A 194 -13.64 -0.95 16.63
C ALA A 194 -13.09 0.44 16.49
N LEU A 195 -11.77 0.53 16.24
CA LEU A 195 -11.12 1.81 16.00
C LEU A 195 -11.75 2.57 14.81
N SER A 196 -12.27 1.84 13.82
CA SER A 196 -12.67 2.43 12.55
C SER A 196 -14.01 3.15 12.65
N GLY A 197 -14.82 2.76 13.63
CA GLY A 197 -16.20 3.24 13.74
C GLY A 197 -17.17 2.49 12.85
N SER A 198 -16.67 1.65 11.95
CA SER A 198 -17.50 0.73 11.15
C SER A 198 -18.40 -0.14 12.05
N THR A 199 -19.59 -0.41 11.56
CA THR A 199 -20.54 -1.34 12.18
C THR A 199 -19.95 -2.73 12.30
N PRO A 200 -20.13 -3.41 13.45
CA PRO A 200 -19.50 -4.71 13.53
C PRO A 200 -20.01 -5.68 12.47
N PRO A 201 -19.10 -6.43 11.88
CA PRO A 201 -19.46 -7.31 10.79
C PRO A 201 -19.96 -8.63 11.31
N ALA A 202 -20.57 -9.39 10.41
CA ALA A 202 -21.02 -10.72 10.70
C ALA A 202 -19.83 -11.64 10.91
N ALA A 203 -20.11 -12.76 11.55
CA ALA A 203 -19.05 -13.59 12.08
C ALA A 203 -18.21 -14.20 10.97
N HIS A 204 -18.80 -14.49 9.81
CA HIS A 204 -18.07 -15.11 8.70
C HIS A 204 -17.14 -14.18 7.97
N VAL A 205 -17.41 -12.88 8.02
CA VAL A 205 -16.47 -11.88 7.49
C VAL A 205 -15.16 -11.97 8.27
N VAL A 206 -15.29 -12.00 9.59
CA VAL A 206 -14.15 -12.11 10.49
C VAL A 206 -13.44 -13.43 10.32
N GLU A 207 -14.21 -14.52 10.35
CA GLU A 207 -13.61 -15.84 10.24
C GLU A 207 -12.74 -15.92 8.99
N GLU A 208 -13.24 -15.42 7.87
CA GLU A 208 -12.49 -15.42 6.61
C GLU A 208 -11.22 -14.57 6.66
N VAL A 209 -11.31 -13.33 7.15
CA VAL A 209 -10.08 -12.51 7.30
C VAL A 209 -9.05 -13.26 8.14
N LEU A 210 -9.52 -13.86 9.25
CA LEU A 210 -8.58 -14.57 10.15
C LEU A 210 -7.92 -15.76 9.46
N ALA A 211 -8.67 -16.46 8.62
CA ALA A 211 -8.10 -17.60 7.85
C ALA A 211 -6.99 -17.20 6.86
N TYR A 212 -6.87 -15.93 6.51
CA TYR A 212 -5.93 -15.45 5.48
C TYR A 212 -4.79 -14.62 6.06
N MET A 213 -4.79 -14.42 7.37
CA MET A 213 -3.70 -13.74 8.03
C MET A 213 -2.53 -14.68 8.35
N PRO A 214 -1.30 -14.17 8.22
CA PRO A 214 -0.20 -14.87 8.83
C PRO A 214 -0.28 -14.70 10.34
N GLU A 215 0.44 -15.58 11.05
CA GLU A 215 0.43 -15.60 12.51
C GLU A 215 0.71 -14.21 13.07
N ASP A 216 1.83 -13.66 12.66
CA ASP A 216 2.15 -12.31 13.01
C ASP A 216 1.76 -11.40 11.85
N TYR A 217 0.76 -10.58 12.11
CA TYR A 217 -0.11 -10.08 11.08
C TYR A 217 0.17 -8.59 10.82
N CYS A 218 -0.11 -8.17 9.59
CA CYS A 218 0.08 -6.80 9.15
C CYS A 218 -1.26 -6.12 9.01
N VAL A 219 -1.38 -4.94 9.60
CA VAL A 219 -2.64 -4.20 9.58
C VAL A 219 -2.28 -2.74 9.37
N ALA A 220 -3.03 -2.10 8.46
CA ALA A 220 -2.89 -0.66 8.24
C ALA A 220 -4.02 0.11 8.91
N ILE A 221 -3.65 1.22 9.57
CA ILE A 221 -4.55 2.11 10.28
C ILE A 221 -4.53 3.47 9.63
N THR A 222 -5.70 3.94 9.21
CA THR A 222 -5.80 5.22 8.50
C THR A 222 -6.07 6.31 9.53
N LEU A 223 -5.18 7.28 9.58
CA LEU A 223 -5.13 8.26 10.64
C LEU A 223 -5.28 9.66 10.04
N ASP A 224 -6.32 10.42 10.42
CA ASP A 224 -6.37 11.81 9.99
C ASP A 224 -5.21 12.56 10.64
N LEU A 225 -4.45 13.30 9.85
CA LEU A 225 -3.20 13.90 10.31
C LEU A 225 -3.38 15.27 11.02
N HIS A 226 -4.61 15.77 11.02
CA HIS A 226 -4.98 16.94 11.83
C HIS A 226 -5.74 16.53 13.12
N SER A 227 -6.81 15.75 12.97
CA SER A 227 -7.66 15.37 14.09
C SER A 227 -7.13 14.20 14.90
N GLY A 228 -6.43 13.29 14.25
CA GLY A 228 -6.06 12.02 14.87
C GLY A 228 -7.17 10.99 14.82
N ASP A 229 -8.28 11.30 14.14
CA ASP A 229 -9.36 10.34 14.01
C ASP A 229 -8.88 9.15 13.15
N ILE A 230 -9.44 7.98 13.42
CA ILE A 230 -9.15 6.79 12.66
C ILE A 230 -10.39 6.55 11.85
N GLU A 231 -10.21 6.53 10.55
CA GLU A 231 -11.28 6.45 9.56
C GLU A 231 -11.58 4.98 9.14
N ARG A 232 -10.53 4.18 9.22
CA ARG A 232 -10.41 2.96 8.45
C ARG A 232 -9.26 2.08 9.00
N VAL A 233 -9.48 0.78 8.97
CA VAL A 233 -8.41 -0.21 9.15
C VAL A 233 -8.47 -1.24 8.00
N CYS A 234 -7.34 -1.90 7.75
CA CYS A 234 -7.22 -2.83 6.63
C CYS A 234 -6.25 -3.96 6.92
N PHE A 235 -6.71 -5.20 6.73
CA PHE A 235 -5.91 -6.42 6.98
C PHE A 235 -5.52 -7.02 5.66
N TYR A 236 -4.26 -7.41 5.55
CA TYR A 236 -3.66 -7.79 4.29
C TYR A 236 -3.23 -9.25 4.23
N ALA A 237 -3.45 -9.89 3.08
CA ALA A 237 -2.93 -11.23 2.74
C ALA A 237 -2.10 -11.10 1.46
N LEU A 238 -0.81 -11.43 1.53
CA LEU A 238 0.14 -11.21 0.42
C LEU A 238 0.43 -12.50 -0.38
N LYS A 239 0.52 -12.39 -1.70
CA LYS A 239 0.88 -13.54 -2.59
C LYS A 239 -0.09 -14.72 -2.47
N VAL A 240 -1.38 -14.41 -2.57
CA VAL A 240 -2.44 -15.41 -2.53
C VAL A 240 -2.52 -15.99 -3.96
N PRO A 241 -2.32 -17.31 -4.11
CA PRO A 241 -2.48 -17.87 -5.46
C PRO A 241 -3.93 -17.83 -5.92
N LYS A 242 -4.14 -17.75 -7.23
CA LYS A 242 -5.49 -17.62 -7.81
C LYS A 242 -6.47 -18.73 -7.42
N ASN A 243 -5.98 -19.96 -7.24
CA ASN A 243 -6.89 -21.04 -6.83
C ASN A 243 -7.19 -21.09 -5.33
N ALA A 244 -6.59 -20.19 -4.55
CA ALA A 244 -6.77 -20.13 -3.08
C ALA A 244 -7.39 -18.80 -2.63
N LEU A 245 -7.80 -17.96 -3.59
CA LEU A 245 -8.33 -16.65 -3.30
C LEU A 245 -9.56 -16.71 -2.38
N PRO A 246 -9.70 -15.72 -1.49
CA PRO A 246 -10.91 -15.65 -0.67
C PRO A 246 -12.05 -15.26 -1.57
N ARG A 247 -13.27 -15.23 -1.03
CA ARG A 247 -14.37 -14.68 -1.77
C ARG A 247 -14.02 -13.21 -2.04
N ILE A 248 -14.13 -12.78 -3.31
CA ILE A 248 -13.84 -11.41 -3.73
C ILE A 248 -15.00 -10.75 -4.52
N PRO A 249 -15.11 -9.41 -4.44
CA PRO A 249 -15.98 -8.66 -5.33
C PRO A 249 -15.68 -8.90 -6.80
N THR A 250 -16.72 -8.97 -7.61
CA THR A 250 -16.56 -9.20 -9.04
C THR A 250 -15.62 -8.14 -9.65
N ARG A 251 -15.55 -6.94 -9.09
CA ARG A 251 -14.65 -5.94 -9.63
C ARG A 251 -13.19 -6.28 -9.39
N ILE A 252 -12.93 -6.90 -8.24
CA ILE A 252 -11.62 -7.40 -7.91
C ILE A 252 -11.31 -8.61 -8.75
N ALA A 253 -12.28 -9.50 -8.99
CA ALA A 253 -12.02 -10.66 -9.85
C ALA A 253 -11.64 -10.21 -11.24
N ARG A 254 -12.40 -9.27 -11.77
CA ARG A 254 -12.08 -8.73 -13.06
C ARG A 254 -10.65 -8.14 -13.06
N PHE A 255 -10.35 -7.31 -12.07
CA PHE A 255 -9.06 -6.60 -12.01
C PHE A 255 -7.93 -7.59 -12.12
N LEU A 256 -8.02 -8.66 -11.32
CA LEU A 256 -6.95 -9.68 -11.22
C LEU A 256 -6.76 -10.46 -12.50
N GLU A 257 -7.88 -10.58 -13.22
CA GLU A 257 -7.95 -11.17 -14.53
C GLU A 257 -7.42 -10.28 -15.64
N VAL A 258 -7.67 -8.96 -15.61
CA VAL A 258 -7.32 -8.09 -16.74
C VAL A 258 -6.01 -7.36 -16.59
N ALA A 259 -5.57 -7.12 -15.36
CA ALA A 259 -4.32 -6.39 -15.15
C ALA A 259 -3.20 -7.36 -15.40
N PRO A 260 -2.27 -7.00 -16.30
CA PRO A 260 -1.20 -7.94 -16.65
C PRO A 260 -0.06 -8.04 -15.65
N SER A 261 0.45 -9.26 -15.44
CA SER A 261 1.62 -9.52 -14.66
C SER A 261 2.65 -10.21 -15.52
N HIS A 262 3.89 -9.71 -15.52
CA HIS A 262 4.95 -10.31 -16.29
C HIS A 262 6.00 -10.96 -15.39
N ASP A 263 5.79 -10.91 -14.08
CA ASP A 263 6.78 -11.40 -13.13
C ASP A 263 6.85 -12.95 -13.21
N VAL A 264 8.06 -13.49 -13.03
CA VAL A 264 8.25 -14.94 -13.01
C VAL A 264 7.30 -15.57 -11.99
N GLU A 265 7.30 -15.03 -10.78
CA GLU A 265 6.38 -15.43 -9.72
C GLU A 265 5.28 -14.32 -9.55
N GLU A 266 4.07 -14.63 -9.98
CA GLU A 266 2.89 -13.76 -9.88
C GLU A 266 2.55 -13.41 -8.45
N CYS A 267 2.15 -12.18 -8.17
CA CYS A 267 1.88 -11.80 -6.77
C CYS A 267 0.57 -11.00 -6.66
N ASN A 268 -0.45 -11.61 -6.10
CA ASN A 268 -1.72 -10.91 -5.84
C ASN A 268 -1.84 -10.63 -4.37
N VAL A 269 -2.30 -9.42 -4.01
CA VAL A 269 -2.50 -9.01 -2.61
C VAL A 269 -3.97 -8.68 -2.42
N ILE A 270 -4.54 -9.07 -1.28
CA ILE A 270 -5.90 -8.76 -0.95
C ILE A 270 -5.93 -8.04 0.40
N GLY A 271 -6.59 -6.88 0.46
CA GLY A 271 -6.80 -6.16 1.72
C GLY A 271 -8.28 -6.04 2.04
N TRP A 272 -8.66 -6.29 3.29
CA TRP A 272 -10.02 -6.09 3.73
C TRP A 272 -10.06 -4.76 4.50
N SER A 273 -10.65 -3.74 3.88
CA SER A 273 -10.69 -2.40 4.47
C SER A 273 -12.06 -2.23 5.09
N PHE A 274 -12.06 -1.79 6.35
CA PHE A 274 -13.27 -1.48 7.09
C PHE A 274 -13.16 -0.06 7.60
N GLY A 275 -14.26 0.66 7.49
CA GLY A 275 -14.28 2.09 7.71
C GLY A 275 -15.71 2.58 7.77
N ARG A 276 -15.90 3.65 8.52
CA ARG A 276 -17.18 4.31 8.78
C ARG A 276 -17.90 4.70 7.51
N SER A 277 -17.17 5.12 6.49
CA SER A 277 -17.79 5.52 5.22
C SER A 277 -18.14 4.33 4.32
N GLY A 278 -17.78 3.10 4.71
CA GLY A 278 -18.13 1.89 3.94
C GLY A 278 -16.95 0.92 3.82
N ASP A 279 -17.23 -0.38 3.85
CA ASP A 279 -16.18 -1.38 3.71
C ASP A 279 -15.88 -1.59 2.25
N TYR A 280 -14.69 -2.09 1.97
CA TYR A 280 -14.34 -2.52 0.62
C TYR A 280 -13.10 -3.41 0.67
N VAL A 281 -12.78 -3.99 -0.49
CA VAL A 281 -11.64 -4.84 -0.69
C VAL A 281 -10.64 -4.18 -1.60
N LYS A 282 -9.39 -4.19 -1.18
CA LYS A 282 -8.28 -3.66 -1.96
C LYS A 282 -7.60 -4.84 -2.59
N ALA A 283 -7.07 -4.66 -3.79
CA ALA A 283 -6.29 -5.70 -4.45
C ALA A 283 -5.03 -5.06 -5.02
N GLU A 284 -3.92 -5.79 -4.98
CA GLU A 284 -2.72 -5.39 -5.74
C GLU A 284 -2.29 -6.53 -6.62
N ARG A 285 -1.63 -6.22 -7.72
CA ARG A 285 -1.13 -7.25 -8.64
C ARG A 285 0.16 -6.86 -9.29
N SER A 286 1.14 -7.77 -9.20
CA SER A 286 2.46 -7.61 -9.79
C SER A 286 2.40 -7.27 -11.26
N TYR A 287 3.37 -6.48 -11.73
CA TYR A 287 3.53 -6.18 -13.15
C TYR A 287 4.94 -6.55 -13.61
N THR A 288 5.94 -5.81 -13.18
CA THR A 288 7.33 -6.04 -13.57
C THR A 288 8.26 -5.74 -12.40
N GLY A 289 9.50 -6.24 -12.46
CA GLY A 289 10.53 -5.93 -11.48
C GLY A 289 10.51 -6.68 -10.18
N ASN A 290 9.70 -7.73 -10.15
CA ASN A 290 9.72 -8.71 -9.07
C ASN A 290 9.20 -8.21 -7.72
N MET A 291 7.89 -7.98 -7.68
CA MET A 291 7.18 -7.58 -6.46
C MET A 291 7.48 -8.51 -5.29
N ALA A 292 7.37 -9.83 -5.53
CA ALA A 292 7.59 -10.87 -4.48
C ALA A 292 8.95 -10.73 -3.80
N GLU A 293 9.96 -10.41 -4.61
CA GLU A 293 11.32 -10.26 -4.16
C GLU A 293 11.45 -9.05 -3.22
N ILE A 294 10.84 -7.93 -3.60
CA ILE A 294 10.83 -6.72 -2.76
C ILE A 294 10.15 -7.04 -1.42
N LEU A 295 8.99 -7.69 -1.50
CA LEU A 295 8.18 -7.93 -0.31
C LEU A 295 8.96 -8.85 0.64
N ALA A 296 9.64 -9.87 0.08
CA ALA A 296 10.40 -10.82 0.92
C ALA A 296 11.59 -10.12 1.58
N GLY A 297 12.19 -9.20 0.86
CA GLY A 297 13.30 -8.42 1.37
C GLY A 297 12.87 -7.54 2.54
N TRP A 298 11.64 -7.04 2.48
CA TRP A 298 11.01 -6.28 3.58
C TRP A 298 10.56 -7.12 4.78
N ASN A 299 10.78 -8.42 4.70
CA ASN A 299 10.35 -9.38 5.71
C ASN A 299 8.81 -9.43 5.81
N CYS A 300 8.14 -9.23 4.68
CA CYS A 300 6.72 -9.53 4.57
C CYS A 300 6.52 -11.02 4.56
N PHE A 301 5.37 -11.51 5.06
CA PHE A 301 4.97 -12.92 5.01
C PHE A 301 3.87 -13.19 3.99
N PHE A 302 4.02 -14.30 3.29
CA PHE A 302 3.18 -14.67 2.18
C PHE A 302 2.15 -15.69 2.61
N HIS A 303 1.04 -15.66 1.93
CA HIS A 303 -0.03 -16.57 2.23
C HIS A 303 0.51 -17.99 2.20
N GLY A 304 0.16 -18.76 3.21
CA GLY A 304 0.46 -20.18 3.25
C GLY A 304 1.84 -20.46 3.81
N GLU A 305 2.60 -19.44 4.15
CA GLU A 305 3.93 -19.67 4.64
C GLU A 305 4.01 -19.42 6.14
N GLU A 306 5.12 -19.74 6.82
N GLU A 306 5.24 -19.73 6.61
CA GLU A 306 5.04 -19.88 8.31
CA GLU A 306 5.89 -19.17 7.78
C GLU A 306 4.43 -18.68 9.07
C GLU A 306 5.56 -17.71 7.87
N GLY A 307 4.95 -17.48 8.81
N GLY A 307 4.81 -17.36 8.91
CA GLY A 307 4.34 -16.24 9.29
CA GLY A 307 4.49 -15.98 9.21
C GLY A 307 4.68 -15.80 10.70
C GLY A 307 4.74 -15.68 10.67
N ARG A 308 5.86 -16.16 11.18
CA ARG A 308 6.28 -15.84 12.54
C ARG A 308 7.45 -14.88 12.53
N ASP A 309 7.31 -13.76 13.24
CA ASP A 309 8.37 -12.75 13.29
C ASP A 309 9.16 -12.94 14.59
N HIS A 310 10.33 -13.54 14.44
CA HIS A 310 11.19 -13.89 15.57
C HIS A 310 11.75 -12.66 16.22
N ASP A 311 12.19 -11.71 15.42
CA ASP A 311 12.75 -10.50 15.99
C ASP A 311 11.68 -9.86 16.86
N LEU A 312 10.44 -9.80 16.34
CA LEU A 312 9.32 -9.19 17.03
C LEU A 312 9.08 -9.86 18.37
N ARG A 313 9.21 -11.18 18.38
CA ARG A 313 8.83 -11.96 19.54
C ARG A 313 9.86 -11.78 20.65
N ALA A 314 11.15 -11.76 20.27
CA ALA A 314 12.24 -11.28 21.14
C ALA A 314 12.07 -9.85 21.67
N LEU A 315 11.41 -8.96 20.94
CA LEU A 315 11.17 -7.60 21.47
C LEU A 315 9.96 -7.53 22.41
N HIS A 316 8.92 -8.34 22.19
CA HIS A 316 7.63 -8.15 22.94
C HIS A 316 7.62 -8.62 24.41
C FMT B . -17.60 -2.23 -2.44
O1 FMT B . -17.95 -1.08 -2.28
O2 FMT B . -16.62 -2.70 -1.86
C FMT C . 12.26 1.25 -19.88
O1 FMT C . 11.51 1.49 -20.86
O2 FMT C . 12.86 2.12 -19.22
C FMT D . -5.04 14.85 -18.96
O1 FMT D . -4.14 14.56 -18.15
O2 FMT D . -5.07 14.59 -20.20
O4 34H E . 0.65 -6.68 4.65
C9 34H E . 0.54 -4.55 1.94
C8 34H E . 0.76 -4.66 0.57
C7 34H E . 2.08 -4.67 0.13
C6 34H E . 3.14 -4.58 1.06
C5 34H E . 2.92 -4.47 2.42
C4 34H E . 1.62 -4.46 2.86
O3 34H E . 2.39 -4.76 -1.19
C3 34H E . 1.37 -4.32 4.35
C2 34H E . 1.40 -5.60 5.20
C1 34H E . 2.82 -6.08 5.52
O2 34H E . 3.00 -7.26 5.26
O1 34H E . 3.63 -5.30 6.10
#